data_7YGG
#
_entry.id   7YGG
#
_cell.length_a   53.580
_cell.length_b   99.640
_cell.length_c   138.930
_cell.angle_alpha   90.000
_cell.angle_beta   90.000
_cell.angle_gamma   90.000
#
_symmetry.space_group_name_H-M   'P 21 21 21'
#
loop_
_entity.id
_entity.type
_entity.pdbx_description
1 polymer 'SIRPA protein'
2 polymer 'Leukocyte surface antigen CD47'
3 non-polymer 1,2-ETHANEDIOL
4 non-polymer 2-acetamido-2-deoxy-beta-D-glucopyranose
5 water water
#
loop_
_entity_poly.entity_id
_entity_poly.type
_entity_poly.pdbx_seq_one_letter_code
_entity_poly.pdbx_strand_id
1 'polypeptide(L)'
;EEELQVIQPDKSVSVAAGESAILHCTVTSLIPVGPIQWFRGAGPARELIYNQKEGHFPRVTTVSESTKRENMDFSISISA
ITPADAGTYYCVKFRKGSPDTEFKSGAGTELSVRAKPSAPVVSGPAARATPQHEPKSCDKTH
;
A,B
2 'polypeptide(L)'
;(PCA)LLFNKTKSVEFTFGNDTVVIPCFVTNMEAQNTTEVYVKWKFKGRDIYTFDGALNKSTVPTDFSSAKIEVSQLLKG
DASLKMDKSDAVSHTGNYTCEVTELTREGETIIELKYRVVSTRHHHHHH
;
C,D
#
loop_
_chem_comp.id
_chem_comp.type
_chem_comp.name
_chem_comp.formula
EDO non-polymer 1,2-ETHANEDIOL 'C2 H6 O2'
NAG D-saccharide, beta linking 2-acetamido-2-deoxy-beta-D-glucopyranose 'C8 H15 N O6'
#
# COMPACT_ATOMS: atom_id res chain seq x y z
N GLU A 1 14.78 -2.57 22.25
CA GLU A 1 13.53 -2.09 21.56
C GLU A 1 12.54 -1.57 22.62
N GLU A 2 12.68 -0.30 22.97
CA GLU A 2 11.70 0.43 23.82
C GLU A 2 10.71 1.16 22.91
N GLU A 3 9.40 1.01 23.17
CA GLU A 3 8.32 1.70 22.41
C GLU A 3 8.66 3.21 22.38
N LEU A 4 8.90 3.74 21.17
CA LEU A 4 9.52 5.08 20.92
C LEU A 4 8.94 6.15 21.86
N GLN A 5 9.82 6.97 22.45
CA GLN A 5 9.47 8.25 23.12
C GLN A 5 9.98 9.41 22.25
N VAL A 6 9.11 10.38 21.96
CA VAL A 6 9.48 11.70 21.38
C VAL A 6 9.39 12.72 22.53
N ILE A 7 10.53 13.25 22.97
CA ILE A 7 10.64 14.04 24.24
C ILE A 7 11.02 15.49 23.92
N GLN A 8 10.09 16.41 24.19
CA GLN A 8 10.36 17.88 24.22
C GLN A 8 10.55 18.28 25.68
N PRO A 9 11.80 18.47 26.15
CA PRO A 9 12.08 18.61 27.58
C PRO A 9 11.50 19.89 28.21
N ASP A 10 11.43 20.97 27.42
CA ASP A 10 10.86 22.28 27.83
C ASP A 10 9.38 22.34 27.46
N LYS A 11 8.50 22.58 28.44
CA LYS A 11 7.04 22.80 28.22
C LYS A 11 6.84 24.21 27.63
N SER A 12 7.76 25.13 27.88
CA SER A 12 7.66 26.54 27.40
C SER A 12 9.06 27.15 27.20
N VAL A 13 9.15 28.06 26.23
CA VAL A 13 10.36 28.89 25.93
C VAL A 13 9.90 30.36 25.86
N SER A 14 10.66 31.26 26.49
CA SER A 14 10.42 32.73 26.45
C SER A 14 11.61 33.42 25.79
N VAL A 15 11.34 34.35 24.87
CA VAL A 15 12.36 35.01 24.00
C VAL A 15 11.93 36.46 23.73
N ALA A 16 12.90 37.35 23.58
CA ALA A 16 12.67 38.77 23.18
C ALA A 16 12.58 38.85 21.65
N ALA A 17 11.69 39.69 21.14
CA ALA A 17 11.48 39.92 19.69
C ALA A 17 12.83 40.31 19.05
N GLY A 18 13.27 39.53 18.05
CA GLY A 18 14.56 39.74 17.35
C GLY A 18 15.60 38.69 17.70
N GLU A 19 15.48 38.05 18.86
CA GLU A 19 16.37 36.95 19.32
C GLU A 19 16.01 35.67 18.56
N SER A 20 16.79 34.60 18.80
CA SER A 20 16.55 33.22 18.29
C SER A 20 15.91 32.36 19.38
N ALA A 21 15.06 31.41 18.97
CA ALA A 21 14.35 30.45 19.87
C ALA A 21 14.82 29.03 19.57
N ILE A 22 15.54 28.40 20.50
CA ILE A 22 15.94 26.97 20.43
C ILE A 22 14.78 26.11 20.94
N LEU A 23 14.05 25.45 20.04
CA LEU A 23 12.99 24.46 20.38
C LEU A 23 13.62 23.06 20.42
N HIS A 24 13.69 22.46 21.61
CA HIS A 24 14.41 21.17 21.86
C HIS A 24 13.47 19.98 21.65
N CYS A 25 14.02 18.90 21.09
CA CYS A 25 13.34 17.60 20.85
C CYS A 25 14.39 16.50 20.68
N THR A 26 14.17 15.35 21.32
CA THR A 26 15.02 14.13 21.15
C THR A 26 14.13 12.89 21.08
N VAL A 27 14.62 11.84 20.39
CA VAL A 27 13.94 10.52 20.25
C VAL A 27 14.81 9.45 20.91
N THR A 28 14.20 8.35 21.36
CA THR A 28 14.84 7.21 22.04
C THR A 28 15.10 6.06 21.05
N SER A 29 14.46 6.11 19.87
CA SER A 29 14.61 5.13 18.76
C SER A 29 14.63 5.88 17.42
N LEU A 30 15.23 5.26 16.40
CA LEU A 30 15.26 5.80 15.00
C LEU A 30 14.34 4.97 14.10
N ILE A 31 13.69 3.93 14.65
CA ILE A 31 12.65 3.12 13.95
C ILE A 31 11.30 3.46 14.57
N PRO A 32 10.16 3.33 13.83
CA PRO A 32 10.15 2.80 12.47
C PRO A 32 10.73 3.81 11.46
N VAL A 33 11.03 3.36 10.24
CA VAL A 33 11.63 4.22 9.17
C VAL A 33 10.65 5.35 8.86
N GLY A 34 11.12 6.60 8.89
CA GLY A 34 10.30 7.80 8.60
C GLY A 34 10.85 9.04 9.30
N PRO A 35 10.56 10.26 8.80
CA PRO A 35 11.22 11.47 9.28
C PRO A 35 10.60 12.14 10.51
N ILE A 36 11.34 13.09 11.09
CA ILE A 36 10.86 14.03 12.15
C ILE A 36 10.50 15.35 11.48
N GLN A 37 9.32 15.90 11.79
CA GLN A 37 8.86 17.24 11.28
C GLN A 37 8.35 18.07 12.47
N TRP A 38 8.63 19.37 12.46
CA TRP A 38 8.10 20.37 13.43
C TRP A 38 6.85 21.02 12.86
N PHE A 39 5.77 21.05 13.62
CA PHE A 39 4.53 21.82 13.32
C PHE A 39 4.30 22.86 14.41
N ARG A 40 3.60 23.94 14.08
CA ARG A 40 3.02 24.90 15.06
C ARG A 40 1.54 24.57 15.23
N GLY A 41 1.13 24.25 16.46
CA GLY A 41 -0.21 23.75 16.78
C GLY A 41 -0.41 22.32 16.29
N ALA A 42 -1.51 21.70 16.71
CA ALA A 42 -1.99 20.38 16.22
C ALA A 42 -3.28 20.59 15.45
N GLY A 43 -3.87 19.51 14.92
CA GLY A 43 -5.15 19.57 14.18
C GLY A 43 -4.93 19.71 12.69
N PRO A 44 -6.02 19.80 11.89
CA PRO A 44 -5.93 19.68 10.43
C PRO A 44 -5.17 20.83 9.76
N ALA A 45 -5.38 22.06 10.24
CA ALA A 45 -4.84 23.30 9.64
C ALA A 45 -3.51 23.69 10.30
N ARG A 46 -2.84 22.74 10.96
CA ARG A 46 -1.53 22.96 11.64
C ARG A 46 -0.49 23.32 10.57
N GLU A 47 0.47 24.16 10.93
CA GLU A 47 1.49 24.77 10.03
C GLU A 47 2.81 23.98 10.16
N LEU A 48 3.37 23.54 9.03
CA LEU A 48 4.70 22.86 8.96
C LEU A 48 5.79 23.92 9.13
N ILE A 49 6.69 23.71 10.09
CA ILE A 49 7.73 24.70 10.52
C ILE A 49 9.12 24.26 10.02
N TYR A 50 9.41 22.97 10.06
CA TYR A 50 10.73 22.40 9.65
C TYR A 50 10.62 20.90 9.35
N ASN A 51 11.40 20.47 8.36
CA ASN A 51 11.84 19.06 8.17
C ASN A 51 13.24 19.14 7.54
N GLN A 52 13.88 17.99 7.31
CA GLN A 52 15.33 17.91 6.97
C GLN A 52 15.59 18.29 5.51
N LYS A 53 14.54 18.41 4.69
CA LYS A 53 14.68 18.67 3.23
C LYS A 53 15.26 20.08 3.01
N GLU A 54 16.31 20.15 2.18
CA GLU A 54 17.24 21.31 2.03
C GLU A 54 16.50 22.52 1.44
N GLY A 55 16.67 23.70 2.07
CA GLY A 55 16.32 25.01 1.53
C GLY A 55 14.82 25.28 1.49
N HIS A 56 14.03 24.51 2.25
CA HIS A 56 12.54 24.63 2.31
C HIS A 56 12.11 25.53 3.47
N PHE A 57 13.05 25.84 4.39
CA PHE A 57 12.79 26.58 5.66
C PHE A 57 13.96 27.51 5.96
N PRO A 58 14.00 28.73 5.37
CA PRO A 58 15.15 29.62 5.53
C PRO A 58 15.27 30.26 6.93
N ARG A 59 14.17 30.31 7.69
CA ARG A 59 14.11 30.90 9.05
C ARG A 59 14.61 29.91 10.09
N VAL A 60 14.37 28.61 9.85
CA VAL A 60 14.65 27.51 10.82
C VAL A 60 15.96 26.81 10.42
N THR A 61 16.82 26.53 11.41
CA THR A 61 18.15 25.90 11.23
C THR A 61 18.29 24.77 12.26
N THR A 62 18.87 23.64 11.86
CA THR A 62 19.15 22.47 12.74
C THR A 62 20.20 22.88 13.77
N VAL A 63 19.92 22.65 15.06
CA VAL A 63 20.87 22.89 16.20
C VAL A 63 21.76 21.66 16.35
N SER A 64 21.24 20.50 15.94
CA SER A 64 21.94 19.19 15.99
CA SER A 64 21.94 19.19 15.99
C SER A 64 22.79 18.99 14.73
N GLU A 65 23.75 18.06 14.80
CA GLU A 65 24.54 17.59 13.63
C GLU A 65 23.78 16.42 13.00
N SER A 66 22.65 16.73 12.35
CA SER A 66 21.55 15.78 12.02
C SER A 66 21.84 15.00 10.72
N THR A 67 22.98 15.25 10.07
CA THR A 67 23.42 14.55 8.83
C THR A 67 23.97 13.16 9.16
N LYS A 68 24.15 12.84 10.45
CA LYS A 68 24.75 11.55 10.90
C LYS A 68 23.63 10.59 11.31
N ARG A 69 23.78 9.33 10.91
CA ARG A 69 22.85 8.20 11.22
C ARG A 69 22.61 8.11 12.72
N GLU A 70 23.67 8.30 13.51
CA GLU A 70 23.68 8.15 15.00
C GLU A 70 22.79 9.22 15.67
N ASN A 71 22.57 10.35 15.01
CA ASN A 71 21.87 11.54 15.60
C ASN A 71 20.46 11.16 16.06
N MET A 72 20.11 11.58 17.28
CA MET A 72 18.75 11.41 17.88
C MET A 72 18.26 12.75 18.46
N ASP A 73 18.93 13.85 18.12
CA ASP A 73 18.54 15.24 18.49
C ASP A 73 17.92 15.92 17.27
N PHE A 74 16.71 16.45 17.42
CA PHE A 74 15.93 17.10 16.33
C PHE A 74 15.55 18.52 16.76
N SER A 75 16.36 19.13 17.61
CA SER A 75 16.20 20.52 18.12
C SER A 75 16.44 21.49 16.96
N ILE A 76 15.70 22.60 16.93
CA ILE A 76 15.75 23.62 15.84
C ILE A 76 15.89 25.02 16.46
N SER A 77 16.47 25.94 15.70
CA SER A 77 16.63 27.38 16.05
C SER A 77 15.85 28.24 15.05
N ILE A 78 14.86 28.99 15.52
CA ILE A 78 14.03 29.92 14.69
C ILE A 78 14.57 31.34 14.89
N SER A 79 15.15 31.94 13.85
CA SER A 79 15.83 33.25 13.87
C SER A 79 14.81 34.39 13.69
N ALA A 80 15.18 35.60 14.14
CA ALA A 80 14.42 36.87 13.94
C ALA A 80 12.97 36.69 14.40
N ILE A 81 12.77 36.23 15.63
CA ILE A 81 11.43 35.93 16.24
C ILE A 81 10.64 37.23 16.36
N THR A 82 9.34 37.18 16.03
CA THR A 82 8.34 38.27 16.23
C THR A 82 7.13 37.68 16.94
N PRO A 83 6.21 38.51 17.49
CA PRO A 83 5.00 37.99 18.14
C PRO A 83 4.18 37.00 17.30
N ALA A 84 4.29 37.08 15.96
CA ALA A 84 3.60 36.20 15.00
C ALA A 84 4.14 34.76 15.07
N ASP A 85 5.31 34.58 15.70
CA ASP A 85 5.95 33.25 15.89
C ASP A 85 5.43 32.57 17.16
N ALA A 86 4.67 33.28 17.99
CA ALA A 86 4.08 32.76 19.26
C ALA A 86 3.15 31.57 18.95
N GLY A 87 3.07 30.62 19.88
CA GLY A 87 2.21 29.42 19.77
C GLY A 87 2.88 28.19 20.34
N THR A 88 2.23 27.03 20.21
CA THR A 88 2.74 25.71 20.66
C THR A 88 3.36 25.00 19.46
N TYR A 89 4.60 24.53 19.61
CA TYR A 89 5.38 23.83 18.55
C TYR A 89 5.53 22.35 18.93
N TYR A 90 5.30 21.46 17.96
CA TYR A 90 5.23 19.99 18.17
C TYR A 90 6.26 19.27 17.29
N CYS A 91 6.98 18.33 17.91
CA CYS A 91 7.97 17.40 17.29
C CYS A 91 7.23 16.09 16.97
N VAL A 92 7.09 15.75 15.69
CA VAL A 92 6.18 14.65 15.23
C VAL A 92 6.96 13.66 14.35
N LYS A 93 6.99 12.39 14.78
CA LYS A 93 7.53 11.23 14.01
C LYS A 93 6.47 10.79 13.00
N PHE A 94 6.90 10.41 11.80
CA PHE A 94 6.03 9.84 10.73
C PHE A 94 6.56 8.48 10.30
N ARG A 95 5.66 7.58 9.90
CA ARG A 95 5.98 6.34 9.14
C ARG A 95 5.94 6.65 7.65
N LYS A 96 6.84 6.06 6.87
CA LYS A 96 6.87 6.22 5.39
C LYS A 96 5.65 5.53 4.77
N GLY A 97 5.12 6.11 3.69
CA GLY A 97 3.95 5.60 2.94
C GLY A 97 3.54 6.56 1.85
N SER A 98 2.45 6.25 1.13
CA SER A 98 1.83 7.12 0.11
C SER A 98 0.43 7.52 0.56
N PRO A 99 0.26 8.63 1.32
CA PRO A 99 1.36 9.44 1.82
C PRO A 99 1.87 9.00 3.20
N ASP A 100 2.85 9.72 3.75
CA ASP A 100 3.42 9.46 5.11
C ASP A 100 2.31 9.64 6.15
N THR A 101 2.36 8.86 7.22
CA THR A 101 1.36 8.87 8.34
C THR A 101 2.07 9.22 9.64
N GLU A 102 1.43 10.06 10.47
CA GLU A 102 1.93 10.42 11.82
C GLU A 102 1.98 9.15 12.68
N PHE A 103 3.11 8.92 13.35
CA PHE A 103 3.38 7.73 14.21
C PHE A 103 3.32 8.15 15.69
N LYS A 104 4.02 9.22 16.04
N LYS A 104 4.02 9.22 16.04
CA LYS A 104 4.11 9.74 17.44
CA LYS A 104 4.11 9.73 17.45
C LYS A 104 4.42 11.23 17.42
C LYS A 104 4.44 11.23 17.45
N SER A 105 3.86 11.97 18.38
CA SER A 105 4.13 13.43 18.61
C SER A 105 4.63 13.66 20.04
N GLY A 106 5.49 14.65 20.22
CA GLY A 106 5.91 15.15 21.54
C GLY A 106 4.78 15.92 22.21
N ALA A 107 4.97 16.28 23.49
CA ALA A 107 3.97 16.93 24.36
C ALA A 107 3.79 18.41 23.96
N GLY A 108 4.75 18.96 23.22
CA GLY A 108 4.69 20.34 22.69
C GLY A 108 5.50 21.30 23.54
N THR A 109 6.03 22.36 22.91
CA THR A 109 6.72 23.49 23.57
C THR A 109 6.03 24.79 23.18
N GLU A 110 5.66 25.61 24.16
CA GLU A 110 4.89 26.88 23.98
C GLU A 110 5.86 28.07 23.96
N LEU A 111 6.07 28.66 22.78
CA LEU A 111 6.94 29.86 22.59
C LEU A 111 6.12 31.13 22.90
N SER A 112 6.63 31.98 23.79
CA SER A 112 6.09 33.34 24.08
C SER A 112 7.17 34.37 23.79
N VAL A 113 6.76 35.57 23.35
CA VAL A 113 7.67 36.62 22.79
C VAL A 113 7.47 37.93 23.57
N ARG A 114 8.44 38.26 24.43
CA ARG A 114 8.53 39.56 25.16
C ARG A 114 8.88 40.66 24.15
N ALA A 115 8.46 41.90 24.41
CA ALA A 115 8.79 43.07 23.57
C ALA A 115 10.26 43.48 23.81
N LYS A 116 10.70 43.42 25.07
CA LYS A 116 12.07 43.81 25.51
C LYS A 116 12.78 42.60 26.15
N PRO A 117 14.13 42.51 26.09
CA PRO A 117 14.87 41.49 26.82
C PRO A 117 14.38 41.30 28.26
N GLU B 1 -23.93 8.42 -2.07
CA GLU B 1 -23.79 7.16 -1.26
C GLU B 1 -23.63 7.52 0.22
N GLU B 2 -24.53 6.99 1.06
CA GLU B 2 -24.35 6.95 2.54
C GLU B 2 -23.33 5.85 2.87
N GLU B 3 -23.00 5.69 4.16
CA GLU B 3 -22.06 4.62 4.65
C GLU B 3 -22.64 3.25 4.33
N LEU B 4 -21.81 2.20 4.39
CA LEU B 4 -22.21 0.80 4.09
C LEU B 4 -22.95 0.20 5.30
N GLN B 5 -24.00 -0.57 5.04
CA GLN B 5 -24.75 -1.37 6.06
C GLN B 5 -24.83 -2.82 5.59
N VAL B 6 -24.32 -3.75 6.40
CA VAL B 6 -24.49 -5.23 6.18
C VAL B 6 -25.73 -5.66 6.97
N ILE B 7 -26.88 -5.76 6.28
CA ILE B 7 -28.22 -6.01 6.90
C ILE B 7 -28.45 -7.53 6.98
N GLN B 8 -28.41 -8.08 8.20
CA GLN B 8 -28.87 -9.46 8.53
C GLN B 8 -30.25 -9.33 9.16
N PRO B 9 -31.35 -9.46 8.39
CA PRO B 9 -32.69 -9.13 8.87
C PRO B 9 -33.16 -10.06 10.01
N ASP B 10 -32.96 -11.38 9.85
CA ASP B 10 -33.38 -12.41 10.83
C ASP B 10 -32.35 -12.47 11.98
N LYS B 11 -32.80 -12.19 13.21
CA LYS B 11 -31.96 -12.29 14.44
C LYS B 11 -31.90 -13.76 14.87
N SER B 12 -33.04 -14.46 14.74
CA SER B 12 -33.24 -15.88 15.16
C SER B 12 -33.77 -16.69 13.98
N VAL B 13 -33.29 -17.93 13.83
CA VAL B 13 -33.74 -18.91 12.80
C VAL B 13 -33.73 -20.30 13.44
N SER B 14 -34.80 -21.08 13.22
CA SER B 14 -35.03 -22.43 13.80
C SER B 14 -35.41 -23.41 12.69
N VAL B 15 -34.80 -24.59 12.68
CA VAL B 15 -34.90 -25.58 11.55
C VAL B 15 -34.96 -27.00 12.10
N ALA B 16 -35.70 -27.88 11.40
CA ALA B 16 -35.82 -29.33 11.71
C ALA B 16 -34.62 -30.09 11.13
N ALA B 17 -34.02 -30.98 11.93
CA ALA B 17 -32.83 -31.78 11.57
C ALA B 17 -33.08 -32.53 10.24
N GLY B 18 -32.31 -32.20 9.20
CA GLY B 18 -32.42 -32.80 7.85
C GLY B 18 -32.84 -31.78 6.80
N GLU B 19 -33.69 -30.83 7.19
CA GLU B 19 -34.20 -29.74 6.30
C GLU B 19 -33.18 -28.60 6.25
N SER B 20 -33.16 -27.85 5.14
CA SER B 20 -32.18 -26.76 4.87
C SER B 20 -32.55 -25.51 5.69
N ALA B 21 -31.54 -24.68 5.99
CA ALA B 21 -31.66 -23.39 6.70
C ALA B 21 -31.27 -22.25 5.77
N ILE B 22 -32.07 -21.17 5.73
CA ILE B 22 -31.79 -19.94 4.93
C ILE B 22 -31.31 -18.85 5.90
N LEU B 23 -30.09 -18.34 5.68
CA LEU B 23 -29.48 -17.21 6.44
C LEU B 23 -29.38 -16.00 5.51
N HIS B 24 -30.25 -15.00 5.70
CA HIS B 24 -30.40 -13.82 4.80
C HIS B 24 -29.32 -12.77 5.13
N CYS B 25 -28.72 -12.19 4.08
CA CYS B 25 -27.77 -11.04 4.16
C CYS B 25 -27.84 -10.23 2.86
N THR B 26 -28.10 -8.93 3.00
CA THR B 26 -28.07 -7.93 1.89
C THR B 26 -27.16 -6.77 2.32
N VAL B 27 -26.53 -6.11 1.35
CA VAL B 27 -25.66 -4.90 1.58
C VAL B 27 -26.29 -3.72 0.83
N THR B 28 -26.07 -2.50 1.34
CA THR B 28 -26.60 -1.23 0.78
C THR B 28 -25.64 -0.67 -0.28
N SER B 29 -24.45 -1.25 -0.40
CA SER B 29 -23.34 -0.76 -1.28
C SER B 29 -22.37 -1.90 -1.60
N LEU B 30 -21.80 -1.89 -2.81
CA LEU B 30 -20.86 -2.92 -3.31
C LEU B 30 -19.40 -2.44 -3.17
N ILE B 31 -19.19 -1.21 -2.67
CA ILE B 31 -17.84 -0.66 -2.37
C ILE B 31 -17.63 -0.63 -0.85
N PRO B 32 -16.38 -0.67 -0.35
CA PRO B 32 -15.18 -0.70 -1.19
C PRO B 32 -14.97 -2.07 -1.85
N VAL B 33 -14.14 -2.11 -2.91
CA VAL B 33 -13.77 -3.36 -3.64
C VAL B 33 -13.33 -4.40 -2.60
N GLY B 34 -13.97 -5.56 -2.57
CA GLY B 34 -13.65 -6.67 -1.65
C GLY B 34 -14.85 -7.56 -1.36
N PRO B 35 -14.62 -8.83 -0.94
CA PRO B 35 -15.69 -9.83 -0.91
C PRO B 35 -16.52 -9.93 0.38
N ILE B 36 -17.62 -10.68 0.30
CA ILE B 36 -18.46 -11.12 1.47
C ILE B 36 -18.04 -12.54 1.85
N GLN B 37 -17.90 -12.80 3.14
CA GLN B 37 -17.63 -14.16 3.70
C GLN B 37 -18.59 -14.41 4.87
N TRP B 38 -19.03 -15.66 5.04
CA TRP B 38 -19.88 -16.12 6.16
C TRP B 38 -19.02 -16.86 7.19
N PHE B 39 -19.20 -16.56 8.47
CA PHE B 39 -18.53 -17.23 9.62
C PHE B 39 -19.57 -17.65 10.66
N ARG B 40 -19.31 -18.74 11.38
CA ARG B 40 -19.96 -19.07 12.67
C ARG B 40 -19.08 -18.51 13.79
N GLY B 41 -19.63 -17.59 14.59
CA GLY B 41 -18.92 -16.93 15.71
C GLY B 41 -18.12 -15.72 15.24
N ALA B 42 -17.44 -15.06 16.19
CA ALA B 42 -16.59 -13.87 15.96
C ALA B 42 -15.24 -14.07 16.64
N GLY B 43 -14.36 -13.06 16.58
CA GLY B 43 -13.02 -13.09 17.19
C GLY B 43 -12.07 -13.97 16.40
N PRO B 44 -10.90 -14.37 16.97
CA PRO B 44 -9.94 -15.21 16.25
C PRO B 44 -10.32 -16.70 16.24
N ALA B 45 -11.35 -17.08 17.02
CA ALA B 45 -11.83 -18.47 17.18
C ALA B 45 -12.69 -18.91 15.98
N ARG B 46 -13.21 -17.96 15.20
CA ARG B 46 -14.36 -18.16 14.27
C ARG B 46 -14.01 -19.14 13.16
N GLU B 47 -15.03 -19.59 12.43
CA GLU B 47 -14.98 -20.69 11.43
C GLU B 47 -15.60 -20.22 10.12
N LEU B 48 -14.83 -20.29 9.02
CA LEU B 48 -15.28 -19.89 7.65
C LEU B 48 -16.33 -20.90 7.15
N ILE B 49 -17.51 -20.40 6.77
CA ILE B 49 -18.70 -21.22 6.39
C ILE B 49 -18.92 -21.16 4.88
N TYR B 50 -18.76 -19.98 4.27
CA TYR B 50 -18.91 -19.78 2.80
C TYR B 50 -18.17 -18.51 2.34
N ASN B 51 -17.49 -18.64 1.19
CA ASN B 51 -17.11 -17.52 0.29
C ASN B 51 -17.37 -17.99 -1.15
N GLN B 52 -17.23 -17.10 -2.12
CA GLN B 52 -17.64 -17.34 -3.54
C GLN B 52 -16.60 -18.19 -4.27
N LYS B 53 -15.39 -18.35 -3.70
CA LYS B 53 -14.29 -19.15 -4.32
C LYS B 53 -14.76 -20.61 -4.45
N GLU B 54 -14.54 -21.19 -5.64
CA GLU B 54 -15.30 -22.35 -6.19
C GLU B 54 -15.04 -23.63 -5.37
N GLY B 55 -16.11 -24.41 -5.17
CA GLY B 55 -16.09 -25.80 -4.63
C GLY B 55 -15.21 -25.95 -3.41
N HIS B 56 -15.36 -25.04 -2.43
CA HIS B 56 -14.68 -25.09 -1.11
C HIS B 56 -15.66 -25.51 -0.02
N PHE B 57 -16.96 -25.26 -0.23
CA PHE B 57 -18.06 -25.43 0.77
C PHE B 57 -19.23 -26.16 0.12
N PRO B 58 -19.29 -27.51 0.22
CA PRO B 58 -20.28 -28.30 -0.53
C PRO B 58 -21.68 -28.34 0.11
N ARG B 59 -21.76 -28.10 1.42
CA ARG B 59 -23.03 -28.08 2.21
C ARG B 59 -23.83 -26.83 1.87
N VAL B 60 -23.14 -25.71 1.63
CA VAL B 60 -23.72 -24.35 1.46
C VAL B 60 -23.97 -24.07 -0.03
N THR B 61 -24.98 -23.26 -0.31
CA THR B 61 -25.32 -22.73 -1.67
C THR B 61 -25.95 -21.34 -1.51
N THR B 62 -25.82 -20.48 -2.51
CA THR B 62 -26.38 -19.10 -2.54
C THR B 62 -27.79 -19.16 -3.14
N VAL B 63 -28.76 -18.48 -2.51
CA VAL B 63 -30.18 -18.38 -2.97
C VAL B 63 -30.30 -17.21 -3.95
N SER B 64 -29.26 -16.36 -4.00
CA SER B 64 -29.22 -15.14 -4.84
CA SER B 64 -29.23 -15.14 -4.84
C SER B 64 -28.70 -15.46 -6.25
N GLU B 65 -28.82 -14.49 -7.15
CA GLU B 65 -28.21 -14.50 -8.51
C GLU B 65 -26.81 -13.89 -8.38
N SER B 66 -25.93 -14.59 -7.66
CA SER B 66 -24.69 -14.06 -7.02
C SER B 66 -23.57 -13.88 -8.06
N THR B 67 -23.72 -14.44 -9.25
CA THR B 67 -22.73 -14.37 -10.38
C THR B 67 -22.81 -13.02 -11.09
N LYS B 68 -23.78 -12.17 -10.74
CA LYS B 68 -24.04 -10.85 -11.39
C LYS B 68 -23.44 -9.73 -10.55
N ARG B 69 -22.91 -8.69 -11.21
CA ARG B 69 -22.18 -7.55 -10.60
C ARG B 69 -23.14 -6.72 -9.74
N GLU B 70 -24.34 -6.43 -10.25
CA GLU B 70 -25.33 -5.51 -9.61
C GLU B 70 -25.98 -6.16 -8.38
N ASN B 71 -25.84 -7.48 -8.22
CA ASN B 71 -26.46 -8.27 -7.12
C ASN B 71 -25.89 -7.80 -5.77
N MET B 72 -26.79 -7.48 -4.83
CA MET B 72 -26.45 -6.96 -3.47
C MET B 72 -27.06 -7.90 -2.40
N ASP B 73 -27.35 -9.14 -2.79
CA ASP B 73 -27.96 -10.19 -1.92
C ASP B 73 -26.96 -11.34 -1.80
N PHE B 74 -26.53 -11.65 -0.58
CA PHE B 74 -25.53 -12.72 -0.27
C PHE B 74 -26.15 -13.71 0.72
N SER B 75 -27.42 -14.04 0.52
CA SER B 75 -28.19 -15.05 1.32
C SER B 75 -27.68 -16.45 0.95
N ILE B 76 -27.40 -17.29 1.96
CA ILE B 76 -26.89 -18.68 1.79
C ILE B 76 -27.90 -19.68 2.38
N SER B 77 -27.84 -20.92 1.91
CA SER B 77 -28.70 -22.06 2.34
C SER B 77 -27.82 -23.27 2.67
N ILE B 78 -27.83 -23.71 3.93
CA ILE B 78 -27.00 -24.84 4.46
C ILE B 78 -27.87 -26.09 4.60
N SER B 79 -27.68 -27.07 3.73
CA SER B 79 -28.51 -28.31 3.64
C SER B 79 -28.00 -29.36 4.63
N ALA B 80 -28.88 -30.29 5.01
CA ALA B 80 -28.60 -31.45 5.89
C ALA B 80 -28.23 -30.97 7.30
N ILE B 81 -29.04 -30.06 7.86
CA ILE B 81 -28.80 -29.42 9.20
C ILE B 81 -28.79 -30.50 10.28
N THR B 82 -27.85 -30.39 11.22
CA THR B 82 -27.72 -31.26 12.43
C THR B 82 -27.63 -30.37 13.66
N PRO B 83 -27.87 -30.90 14.88
CA PRO B 83 -27.64 -30.14 16.11
C PRO B 83 -26.26 -29.44 16.18
N ALA B 84 -25.26 -30.02 15.53
CA ALA B 84 -23.84 -29.56 15.54
C ALA B 84 -23.66 -28.28 14.72
N ASP B 85 -24.67 -27.85 13.96
CA ASP B 85 -24.62 -26.63 13.10
C ASP B 85 -25.05 -25.39 13.89
N ALA B 86 -25.55 -25.57 15.12
CA ALA B 86 -26.08 -24.48 15.98
C ALA B 86 -24.96 -23.50 16.34
N GLY B 87 -25.28 -22.20 16.34
CA GLY B 87 -24.34 -21.09 16.61
C GLY B 87 -24.81 -19.79 15.98
N THR B 88 -24.08 -18.70 16.21
CA THR B 88 -24.38 -17.34 15.65
C THR B 88 -23.57 -17.16 14.36
N TYR B 89 -24.26 -16.98 13.23
CA TYR B 89 -23.67 -16.88 11.87
C TYR B 89 -23.58 -15.41 11.44
N TYR B 90 -22.41 -15.00 10.96
CA TYR B 90 -22.05 -13.59 10.65
C TYR B 90 -21.75 -13.42 9.16
N CYS B 91 -22.45 -12.48 8.53
CA CYS B 91 -22.20 -11.99 7.14
C CYS B 91 -21.20 -10.82 7.22
N VAL B 92 -19.97 -11.03 6.72
CA VAL B 92 -18.82 -10.09 6.94
C VAL B 92 -18.29 -9.60 5.59
N LYS B 93 -18.16 -8.28 5.44
CA LYS B 93 -17.56 -7.59 4.26
C LYS B 93 -16.06 -7.38 4.51
N PHE B 94 -15.24 -7.54 3.48
CA PHE B 94 -13.76 -7.41 3.53
C PHE B 94 -13.29 -6.35 2.54
N ARG B 95 -12.22 -5.63 2.91
CA ARG B 95 -11.49 -4.65 2.05
C ARG B 95 -10.24 -5.34 1.51
N LYS B 96 -9.95 -5.19 0.20
CA LYS B 96 -8.82 -5.88 -0.48
C LYS B 96 -7.49 -5.28 0.00
N GLY B 97 -6.47 -6.13 0.12
CA GLY B 97 -5.10 -5.74 0.51
C GLY B 97 -4.17 -6.94 0.63
N SER B 98 -2.94 -6.71 1.07
CA SER B 98 -1.94 -7.74 1.43
C SER B 98 -1.70 -7.72 2.94
N PRO B 99 -2.57 -8.37 3.76
CA PRO B 99 -3.70 -9.16 3.30
C PRO B 99 -5.05 -8.42 3.37
N ASP B 100 -6.14 -9.16 3.09
CA ASP B 100 -7.54 -8.66 3.23
C ASP B 100 -7.80 -8.32 4.71
N THR B 101 -8.65 -7.32 4.96
CA THR B 101 -9.04 -6.84 6.31
C THR B 101 -10.56 -6.82 6.43
N GLU B 102 -11.09 -7.15 7.61
CA GLU B 102 -12.53 -6.98 7.95
C GLU B 102 -12.87 -5.49 7.88
N PHE B 103 -13.95 -5.14 7.17
CA PHE B 103 -14.41 -3.74 6.94
C PHE B 103 -15.73 -3.48 7.70
N LYS B 104 -16.68 -4.41 7.62
CA LYS B 104 -17.99 -4.32 8.34
C LYS B 104 -18.62 -5.72 8.45
N SER B 105 -19.36 -5.95 9.54
CA SER B 105 -20.03 -7.23 9.88
C SER B 105 -21.53 -7.00 10.10
N GLY B 106 -22.36 -7.93 9.63
CA GLY B 106 -23.80 -7.99 9.96
C GLY B 106 -24.00 -8.28 11.43
N ALA B 107 -25.13 -7.84 12.00
CA ALA B 107 -25.45 -7.92 13.44
C ALA B 107 -25.37 -9.37 13.91
N GLY B 108 -25.74 -10.33 13.06
CA GLY B 108 -25.67 -11.78 13.34
C GLY B 108 -27.03 -12.46 13.22
N THR B 109 -27.03 -13.79 13.13
CA THR B 109 -28.25 -14.64 13.00
C THR B 109 -28.10 -15.89 13.86
N GLU B 110 -28.77 -15.93 15.01
CA GLU B 110 -28.85 -17.09 15.95
C GLU B 110 -29.51 -18.28 15.24
N LEU B 111 -28.75 -19.35 14.98
CA LEU B 111 -29.27 -20.60 14.35
C LEU B 111 -29.44 -21.66 15.43
N SER B 112 -30.69 -22.04 15.72
CA SER B 112 -31.07 -23.16 16.63
C SER B 112 -31.64 -24.31 15.79
N VAL B 113 -31.68 -25.52 16.37
CA VAL B 113 -32.11 -26.77 15.66
C VAL B 113 -33.09 -27.54 16.56
N ARG B 114 -34.09 -28.18 15.93
CA ARG B 114 -35.11 -29.04 16.60
C ARG B 114 -34.89 -30.50 16.19
N ALA B 115 -34.98 -31.42 17.15
CA ALA B 115 -34.63 -32.85 17.01
C ALA B 115 -35.74 -33.61 16.26
N LYS B 116 -35.43 -34.85 15.86
CA LYS B 116 -36.33 -35.75 15.08
C LYS B 116 -36.31 -37.15 15.68
N PCA C 1 20.12 15.58 7.65
CA PCA C 1 19.52 15.07 6.44
CB PCA C 1 19.33 16.32 5.57
CG PCA C 1 19.54 17.50 6.51
CD PCA C 1 20.15 16.91 7.76
OE PCA C 1 20.59 17.53 8.72
C PCA C 1 20.43 14.09 5.69
O PCA C 1 21.57 13.88 6.09
N LEU C 2 19.90 13.50 4.61
CA LEU C 2 20.67 12.82 3.57
C LEU C 2 21.09 13.86 2.53
N LEU C 3 22.37 13.82 2.11
CA LEU C 3 22.98 14.79 1.16
C LEU C 3 23.14 14.11 -0.21
N PHE C 4 22.87 14.85 -1.29
CA PHE C 4 22.84 14.31 -2.68
C PHE C 4 23.95 14.91 -3.54
N ASN C 5 24.56 14.07 -4.38
CA ASN C 5 25.40 14.46 -5.54
C ASN C 5 24.46 14.89 -6.67
N LYS C 6 24.26 16.20 -6.85
CA LYS C 6 23.10 16.77 -7.57
C LYS C 6 23.39 16.91 -9.07
N THR C 7 22.34 16.75 -9.88
CA THR C 7 22.31 16.91 -11.36
C THR C 7 21.14 17.82 -11.73
N LYS C 8 21.40 18.95 -12.40
CA LYS C 8 20.35 19.94 -12.81
C LYS C 8 19.30 19.24 -13.70
N SER C 9 19.76 18.52 -14.72
CA SER C 9 18.91 17.83 -15.72
C SER C 9 19.68 16.72 -16.44
N VAL C 10 18.95 15.78 -17.05
CA VAL C 10 19.48 14.73 -17.96
C VAL C 10 18.69 14.76 -19.26
N GLU C 11 19.39 14.64 -20.40
CA GLU C 11 18.80 14.61 -21.77
C GLU C 11 18.73 13.16 -22.27
N PHE C 12 17.72 12.85 -23.08
CA PHE C 12 17.62 11.56 -23.81
C PHE C 12 17.08 11.81 -25.23
N THR C 13 17.57 11.00 -26.17
CA THR C 13 17.08 10.91 -27.59
C THR C 13 16.44 9.54 -27.77
N PHE C 14 16.20 9.09 -29.01
CA PHE C 14 15.63 7.75 -29.32
C PHE C 14 16.73 6.69 -29.32
N GLY C 15 18.00 7.11 -29.33
CA GLY C 15 19.17 6.24 -29.08
C GLY C 15 19.02 5.53 -27.74
N ASN C 16 18.51 6.27 -26.74
CA ASN C 16 18.22 5.76 -25.37
C ASN C 16 17.03 4.79 -25.41
N ASP C 17 17.29 3.49 -25.24
CA ASP C 17 16.23 2.44 -25.17
C ASP C 17 15.55 2.50 -23.81
N THR C 18 16.35 2.51 -22.74
CA THR C 18 15.92 2.80 -21.34
C THR C 18 16.45 4.18 -20.93
N VAL C 19 15.65 4.94 -20.19
CA VAL C 19 15.99 6.27 -19.62
C VAL C 19 16.45 6.06 -18.17
N VAL C 20 17.52 6.74 -17.76
CA VAL C 20 18.04 6.72 -16.35
C VAL C 20 18.07 8.15 -15.82
N ILE C 21 17.31 8.42 -14.76
CA ILE C 21 17.32 9.72 -14.00
C ILE C 21 18.13 9.49 -12.73
N PRO C 22 19.33 10.10 -12.60
CA PRO C 22 20.24 9.76 -11.51
C PRO C 22 19.81 10.31 -10.15
N CYS C 23 20.17 9.60 -9.08
CA CYS C 23 19.92 9.97 -7.67
C CYS C 23 20.97 9.29 -6.79
N PHE C 24 21.91 10.07 -6.26
CA PHE C 24 23.11 9.58 -5.51
C PHE C 24 23.21 10.29 -4.17
N VAL C 25 22.89 9.58 -3.09
CA VAL C 25 23.07 10.07 -1.69
C VAL C 25 24.55 9.92 -1.33
N THR C 26 25.19 11.01 -0.89
CA THR C 26 26.65 11.09 -0.64
C THR C 26 27.00 10.55 0.76
N ASN C 27 26.02 10.50 1.68
CA ASN C 27 26.25 10.15 3.11
C ASN C 27 25.26 9.07 3.57
N MET C 28 25.06 8.01 2.77
CA MET C 28 24.32 6.79 3.18
C MET C 28 25.18 6.00 4.18
N GLU C 29 24.57 5.57 5.29
CA GLU C 29 25.24 4.76 6.36
C GLU C 29 24.38 3.52 6.66
N ALA C 30 23.55 3.09 5.71
CA ALA C 30 22.53 2.02 5.87
C ALA C 30 23.22 0.66 6.01
N GLN C 31 22.86 -0.09 7.05
CA GLN C 31 23.33 -1.49 7.28
C GLN C 31 22.59 -2.46 6.36
N ASN C 32 21.40 -2.05 5.92
CA ASN C 32 20.36 -2.96 5.36
C ASN C 32 19.40 -2.15 4.47
N THR C 33 18.75 -2.80 3.50
CA THR C 33 17.75 -2.17 2.60
C THR C 33 16.42 -1.95 3.36
N THR C 34 16.18 -2.73 4.42
CA THR C 34 14.94 -2.67 5.25
C THR C 34 14.88 -1.37 6.05
N GLU C 35 15.99 -0.62 6.10
CA GLU C 35 16.09 0.70 6.80
C GLU C 35 15.75 1.84 5.84
N VAL C 36 15.64 1.56 4.54
CA VAL C 36 15.58 2.59 3.45
C VAL C 36 14.19 2.59 2.80
N TYR C 37 13.73 3.79 2.41
CA TYR C 37 12.46 4.04 1.68
C TYR C 37 12.71 5.07 0.57
N VAL C 38 12.40 4.74 -0.67
CA VAL C 38 12.58 5.64 -1.86
C VAL C 38 11.20 6.06 -2.37
N LYS C 39 11.05 7.34 -2.71
CA LYS C 39 9.87 7.92 -3.40
C LYS C 39 10.37 8.74 -4.60
N TRP C 40 9.91 8.39 -5.81
CA TRP C 40 10.08 9.23 -7.02
C TRP C 40 8.76 9.95 -7.31
N LYS C 41 8.79 11.29 -7.36
CA LYS C 41 7.58 12.14 -7.56
C LYS C 41 7.68 12.86 -8.91
N PHE C 42 6.54 12.95 -9.59
CA PHE C 42 6.36 13.68 -10.88
C PHE C 42 4.98 14.35 -10.88
N LYS C 43 4.94 15.67 -11.09
CA LYS C 43 3.69 16.49 -11.14
C LYS C 43 2.85 16.26 -9.88
N GLY C 44 3.51 16.12 -8.72
CA GLY C 44 2.84 15.99 -7.41
C GLY C 44 2.47 14.56 -7.06
N ARG C 45 2.65 13.63 -7.99
CA ARG C 45 2.25 12.20 -7.86
C ARG C 45 3.44 11.33 -7.44
N ASP C 46 3.21 10.35 -6.56
CA ASP C 46 4.18 9.26 -6.27
C ASP C 46 4.11 8.25 -7.43
N ILE C 47 5.06 8.33 -8.36
CA ILE C 47 5.09 7.54 -9.63
C ILE C 47 6.02 6.33 -9.49
N TYR C 48 6.84 6.28 -8.44
CA TYR C 48 7.57 5.06 -7.97
C TYR C 48 7.81 5.17 -6.46
N THR C 49 7.70 4.04 -5.76
CA THR C 49 8.08 3.92 -4.32
C THR C 49 8.69 2.53 -4.09
N PHE C 50 9.73 2.45 -3.25
CA PHE C 50 10.30 1.19 -2.74
C PHE C 50 10.27 1.22 -1.21
N ASP C 51 9.51 0.32 -0.59
CA ASP C 51 9.45 0.13 0.89
C ASP C 51 10.42 -0.99 1.25
N GLY C 52 11.59 -0.64 1.80
CA GLY C 52 12.64 -1.59 2.23
C GLY C 52 12.11 -2.57 3.26
N ALA C 53 11.36 -2.09 4.24
CA ALA C 53 10.75 -2.89 5.33
C ALA C 53 9.97 -4.06 4.73
N LEU C 54 9.11 -3.78 3.74
CA LEU C 54 8.24 -4.77 3.07
C LEU C 54 8.98 -5.43 1.91
N ASN C 55 10.04 -4.79 1.41
CA ASN C 55 10.85 -5.24 0.23
C ASN C 55 9.92 -5.34 -0.99
N LYS C 56 9.13 -4.28 -1.22
CA LYS C 56 8.09 -4.20 -2.27
C LYS C 56 8.23 -2.88 -3.05
N SER C 57 7.98 -2.92 -4.36
CA SER C 57 7.99 -1.74 -5.27
C SER C 57 6.57 -1.50 -5.79
N THR C 58 6.19 -0.24 -5.98
CA THR C 58 4.80 0.19 -6.28
C THR C 58 4.82 1.32 -7.33
N VAL C 59 4.20 1.08 -8.49
CA VAL C 59 4.12 2.06 -9.63
C VAL C 59 2.66 2.23 -10.05
N PRO C 60 2.25 3.45 -10.45
CA PRO C 60 0.97 3.63 -11.14
C PRO C 60 1.07 3.09 -12.58
N THR C 61 -0.06 2.73 -13.16
CA THR C 61 -0.15 1.96 -14.45
C THR C 61 0.54 2.72 -15.59
N ASP C 62 0.51 4.07 -15.55
CA ASP C 62 1.07 4.94 -16.62
C ASP C 62 2.59 5.12 -16.41
N PHE C 63 3.17 4.51 -15.37
CA PHE C 63 4.63 4.41 -15.11
C PHE C 63 4.99 2.96 -14.83
N SER C 64 4.45 2.02 -15.62
CA SER C 64 4.52 0.56 -15.37
C SER C 64 5.96 0.05 -15.52
N SER C 65 6.78 0.71 -16.33
CA SER C 65 8.18 0.32 -16.65
C SER C 65 9.18 0.90 -15.66
N ALA C 66 8.75 1.85 -14.80
CA ALA C 66 9.60 2.56 -13.83
C ALA C 66 10.10 1.58 -12.76
N LYS C 67 11.40 1.66 -12.41
CA LYS C 67 12.04 0.79 -11.38
C LYS C 67 13.39 1.37 -10.95
N ILE C 68 13.92 0.86 -9.83
CA ILE C 68 15.32 1.13 -9.36
C ILE C 68 16.04 -0.21 -9.19
N GLU C 69 17.37 -0.18 -9.21
CA GLU C 69 18.24 -1.35 -8.86
C GLU C 69 18.42 -1.38 -7.35
N VAL C 70 17.71 -2.27 -6.65
CA VAL C 70 17.71 -2.37 -5.16
C VAL C 70 19.10 -2.81 -4.70
N SER C 71 19.80 -3.58 -5.54
CA SER C 71 21.20 -4.05 -5.32
C SER C 71 22.13 -2.85 -5.04
N GLN C 72 21.85 -1.69 -5.64
CA GLN C 72 22.74 -0.50 -5.63
C GLN C 72 22.35 0.49 -4.52
N LEU C 73 21.27 0.23 -3.77
CA LEU C 73 20.70 1.20 -2.78
C LEU C 73 21.75 1.53 -1.72
N LEU C 74 22.37 0.52 -1.10
CA LEU C 74 23.33 0.68 0.03
C LEU C 74 24.51 1.57 -0.39
N LYS C 75 24.92 1.50 -1.67
CA LYS C 75 25.99 2.36 -2.25
C LYS C 75 25.51 3.81 -2.30
N GLY C 76 24.19 4.03 -2.28
CA GLY C 76 23.55 5.36 -2.28
C GLY C 76 22.99 5.72 -3.64
N ASP C 77 22.95 4.76 -4.57
CA ASP C 77 22.35 4.92 -5.93
C ASP C 77 20.87 4.54 -5.85
N ALA C 78 20.00 5.53 -6.06
CA ALA C 78 18.51 5.38 -6.09
C ALA C 78 17.99 5.83 -7.46
N SER C 79 18.80 5.69 -8.52
CA SER C 79 18.50 6.17 -9.90
C SER C 79 17.29 5.42 -10.45
N LEU C 80 16.34 6.16 -11.05
CA LEU C 80 15.10 5.62 -11.66
C LEU C 80 15.36 5.28 -13.12
N LYS C 81 14.92 4.09 -13.55
CA LYS C 81 14.96 3.62 -14.97
C LYS C 81 13.53 3.36 -15.44
N MET C 82 13.18 3.84 -16.64
CA MET C 82 11.89 3.52 -17.31
C MET C 82 12.13 3.39 -18.83
N ASP C 83 11.26 2.63 -19.49
CA ASP C 83 11.24 2.49 -20.98
C ASP C 83 11.06 3.88 -21.58
N LYS C 84 11.70 4.11 -22.73
CA LYS C 84 11.69 5.42 -23.45
C LYS C 84 10.24 5.81 -23.78
N SER C 85 9.39 4.83 -24.11
CA SER C 85 7.95 5.01 -24.43
C SER C 85 7.25 5.79 -23.31
N ASP C 86 7.52 5.43 -22.05
CA ASP C 86 6.97 6.11 -20.85
C ASP C 86 7.63 7.49 -20.68
N ALA C 87 8.93 7.59 -20.96
CA ALA C 87 9.76 8.79 -20.72
C ALA C 87 9.28 9.98 -21.55
N VAL C 88 9.02 9.76 -22.85
CA VAL C 88 8.64 10.85 -23.82
C VAL C 88 7.34 11.52 -23.34
N SER C 89 6.43 10.73 -22.78
CA SER C 89 5.08 11.17 -22.31
C SER C 89 5.18 11.97 -21.00
N HIS C 90 6.27 11.79 -20.23
CA HIS C 90 6.43 12.32 -18.85
C HIS C 90 7.76 13.06 -18.70
N THR C 91 8.03 14.04 -19.55
CA THR C 91 9.19 14.98 -19.41
C THR C 91 8.82 16.07 -18.40
N GLY C 92 9.80 16.52 -17.62
CA GLY C 92 9.61 17.56 -16.59
C GLY C 92 10.47 17.31 -15.36
N ASN C 93 10.11 17.94 -14.24
CA ASN C 93 10.88 17.90 -12.97
C ASN C 93 10.47 16.68 -12.14
N TYR C 94 11.44 15.82 -11.84
CA TYR C 94 11.29 14.57 -11.03
C TYR C 94 11.97 14.77 -9.67
N THR C 95 11.23 14.55 -8.58
CA THR C 95 11.75 14.57 -7.19
C THR C 95 12.16 13.15 -6.79
N CYS C 96 13.42 12.96 -6.40
CA CYS C 96 13.94 11.73 -5.75
C CYS C 96 14.06 11.98 -4.24
N GLU C 97 13.22 11.32 -3.44
CA GLU C 97 13.20 11.41 -1.96
C GLU C 97 13.67 10.07 -1.37
N VAL C 98 14.77 10.08 -0.60
CA VAL C 98 15.30 8.88 0.11
C VAL C 98 15.15 9.11 1.63
N THR C 99 14.70 8.07 2.34
CA THR C 99 14.72 7.98 3.82
C THR C 99 15.65 6.82 4.22
N GLU C 100 16.47 7.03 5.24
CA GLU C 100 17.28 5.97 5.91
C GLU C 100 17.06 6.10 7.42
N LEU C 101 16.32 5.15 8.01
CA LEU C 101 15.80 5.22 9.40
C LEU C 101 15.01 6.53 9.57
N THR C 102 15.59 7.55 10.21
CA THR C 102 14.93 8.85 10.50
C THR C 102 15.46 9.95 9.56
N ARG C 103 16.71 9.84 9.14
CA ARG C 103 17.35 10.80 8.19
C ARG C 103 16.55 10.81 6.87
N GLU C 104 16.31 12.00 6.33
CA GLU C 104 15.43 12.25 5.17
C GLU C 104 16.06 13.32 4.28
N GLY C 105 15.86 13.22 2.97
CA GLY C 105 16.35 14.21 1.99
C GLY C 105 15.69 14.03 0.63
N GLU C 106 15.80 15.03 -0.23
CA GLU C 106 15.30 14.96 -1.64
C GLU C 106 16.18 15.84 -2.54
N THR C 107 16.12 15.58 -3.84
CA THR C 107 16.77 16.38 -4.91
C THR C 107 15.86 16.34 -6.15
N ILE C 108 16.00 17.33 -7.03
CA ILE C 108 15.12 17.48 -8.24
C ILE C 108 16.00 17.38 -9.49
N ILE C 109 15.56 16.60 -10.48
CA ILE C 109 16.20 16.45 -11.82
C ILE C 109 15.13 16.65 -12.89
N GLU C 110 15.36 17.57 -13.82
CA GLU C 110 14.46 17.78 -15.00
C GLU C 110 14.85 16.76 -16.08
N LEU C 111 13.92 15.85 -16.42
CA LEU C 111 14.08 14.92 -17.56
C LEU C 111 13.69 15.68 -18.84
N LYS C 112 14.66 15.89 -19.73
CA LYS C 112 14.51 16.66 -20.99
C LYS C 112 14.59 15.70 -22.18
N TYR C 113 13.72 15.90 -23.18
CA TYR C 113 13.83 15.22 -24.50
C TYR C 113 14.51 16.17 -25.50
N ARG C 114 15.56 15.70 -26.16
CA ARG C 114 16.26 16.41 -27.27
C ARG C 114 15.92 15.69 -28.58
N VAL C 115 15.48 16.46 -29.59
CA VAL C 115 15.19 15.97 -30.97
C VAL C 115 16.53 15.85 -31.71
N VAL C 116 16.71 14.76 -32.46
CA VAL C 116 17.94 14.52 -33.30
C VAL C 116 17.53 14.46 -34.78
N PCA D 1 -20.18 -15.60 -7.96
CA PCA D 1 -18.74 -15.48 -8.08
CB PCA D 1 -18.25 -16.94 -7.95
CG PCA D 1 -19.44 -17.68 -7.36
CD PCA D 1 -20.62 -16.82 -7.67
OE PCA D 1 -21.82 -17.16 -7.65
C PCA D 1 -18.30 -14.93 -9.44
O PCA D 1 -19.14 -14.60 -10.26
N LEU D 2 -16.97 -14.83 -9.62
CA LEU D 2 -16.32 -14.61 -10.93
C LEU D 2 -15.86 -15.96 -11.47
N LEU D 3 -16.24 -16.28 -12.71
CA LEU D 3 -16.01 -17.60 -13.36
C LEU D 3 -14.84 -17.48 -14.33
N PHE D 4 -14.01 -18.52 -14.40
CA PHE D 4 -12.81 -18.61 -15.27
C PHE D 4 -12.94 -19.82 -16.20
N ASN D 5 -12.40 -19.72 -17.42
CA ASN D 5 -12.10 -20.90 -18.28
C ASN D 5 -10.73 -21.43 -17.84
N LYS D 6 -10.73 -22.47 -17.01
CA LYS D 6 -9.54 -22.98 -16.27
C LYS D 6 -8.49 -23.47 -17.27
N THR D 7 -7.21 -23.20 -16.98
CA THR D 7 -6.03 -23.87 -17.62
C THR D 7 -5.27 -24.61 -16.51
N LYS D 8 -5.10 -25.92 -16.68
CA LYS D 8 -4.56 -26.85 -15.63
C LYS D 8 -3.06 -26.58 -15.43
N SER D 9 -2.34 -26.38 -16.54
CA SER D 9 -0.89 -26.03 -16.54
C SER D 9 -0.48 -25.43 -17.89
N VAL D 10 0.52 -24.55 -17.87
CA VAL D 10 1.27 -24.08 -19.08
C VAL D 10 2.75 -24.39 -18.85
N GLU D 11 3.54 -24.45 -19.92
CA GLU D 11 5.01 -24.69 -19.84
C GLU D 11 5.75 -23.74 -20.77
N PHE D 12 6.95 -23.32 -20.35
CA PHE D 12 7.88 -22.45 -21.10
C PHE D 12 9.19 -23.20 -21.35
N THR D 13 9.84 -22.90 -22.47
CA THR D 13 11.19 -23.43 -22.84
C THR D 13 12.22 -22.31 -22.71
N PHE D 14 13.46 -22.58 -23.12
CA PHE D 14 14.57 -21.59 -23.23
C PHE D 14 14.17 -20.46 -24.20
N GLY D 15 13.32 -20.77 -25.18
CA GLY D 15 12.78 -19.80 -26.17
C GLY D 15 12.08 -18.63 -25.51
N ASN D 16 11.22 -18.91 -24.53
CA ASN D 16 10.32 -17.92 -23.88
C ASN D 16 11.16 -16.93 -23.05
N ASP D 17 11.50 -15.79 -23.63
CA ASP D 17 12.24 -14.68 -22.97
C ASP D 17 11.32 -14.03 -21.93
N THR D 18 10.06 -13.79 -22.29
CA THR D 18 8.96 -13.40 -21.37
C THR D 18 7.95 -14.54 -21.28
N VAL D 19 7.48 -14.85 -20.07
CA VAL D 19 6.61 -16.02 -19.75
C VAL D 19 5.22 -15.52 -19.37
N VAL D 20 4.17 -16.05 -20.02
CA VAL D 20 2.74 -15.67 -19.78
C VAL D 20 2.03 -16.82 -19.06
N ILE D 21 1.51 -16.54 -17.86
CA ILE D 21 0.62 -17.47 -17.08
C ILE D 21 -0.82 -17.02 -17.28
N PRO D 22 -1.66 -17.81 -17.99
CA PRO D 22 -2.99 -17.34 -18.41
C PRO D 22 -4.02 -17.30 -17.26
N CYS D 23 -4.91 -16.30 -17.33
CA CYS D 23 -6.03 -16.08 -16.37
C CYS D 23 -7.11 -15.24 -17.06
N PHE D 24 -8.25 -15.85 -17.36
CA PHE D 24 -9.39 -15.21 -18.10
C PHE D 24 -10.68 -15.41 -17.29
N VAL D 25 -11.33 -14.29 -16.95
CA VAL D 25 -12.67 -14.26 -16.29
C VAL D 25 -13.72 -14.14 -17.40
N THR D 26 -14.78 -14.97 -17.35
CA THR D 26 -15.80 -15.10 -18.42
C THR D 26 -16.93 -14.09 -18.21
N ASN D 27 -17.16 -13.64 -16.97
CA ASN D 27 -18.35 -12.82 -16.59
C ASN D 27 -17.94 -11.50 -15.96
N MET D 28 -17.02 -10.76 -16.59
CA MET D 28 -16.64 -9.37 -16.19
C MET D 28 -17.68 -8.39 -16.76
N GLU D 29 -18.10 -7.42 -15.94
CA GLU D 29 -19.17 -6.44 -16.29
C GLU D 29 -18.69 -4.99 -16.10
N ALA D 30 -17.63 -4.76 -15.32
CA ALA D 30 -17.11 -3.41 -14.99
C ALA D 30 -16.69 -2.70 -16.28
N GLN D 31 -17.08 -1.42 -16.41
CA GLN D 31 -16.63 -0.51 -17.52
C GLN D 31 -15.66 0.51 -16.93
N ASN D 32 -14.82 0.07 -15.98
CA ASN D 32 -13.87 0.92 -15.21
C ASN D 32 -13.00 0.02 -14.34
N THR D 33 -11.68 0.19 -14.40
CA THR D 33 -10.66 -0.70 -13.77
C THR D 33 -10.59 -0.45 -12.26
N THR D 34 -11.14 0.68 -11.78
CA THR D 34 -11.19 1.08 -10.34
C THR D 34 -11.92 0.02 -9.51
N GLU D 35 -12.86 -0.70 -10.13
CA GLU D 35 -13.72 -1.72 -9.46
C GLU D 35 -12.94 -3.03 -9.30
N VAL D 36 -11.84 -3.21 -10.04
CA VAL D 36 -11.08 -4.50 -10.13
C VAL D 36 -9.92 -4.50 -9.12
N TYR D 37 -9.63 -5.69 -8.59
CA TYR D 37 -8.41 -6.00 -7.77
C TYR D 37 -7.88 -7.36 -8.23
N VAL D 38 -6.59 -7.45 -8.54
CA VAL D 38 -5.91 -8.71 -8.98
C VAL D 38 -4.83 -9.08 -7.95
N LYS D 39 -4.77 -10.36 -7.58
CA LYS D 39 -3.71 -10.93 -6.71
C LYS D 39 -3.19 -12.22 -7.37
N TRP D 40 -1.90 -12.24 -7.73
CA TRP D 40 -1.17 -13.48 -8.10
C TRP D 40 -0.38 -13.97 -6.88
N LYS D 41 -0.67 -15.18 -6.42
CA LYS D 41 -0.04 -15.82 -5.22
C LYS D 41 0.89 -16.93 -5.69
N PHE D 42 2.01 -17.11 -4.99
CA PHE D 42 3.01 -18.20 -5.22
C PHE D 42 3.66 -18.58 -3.89
N LYS D 43 3.34 -19.77 -3.38
CA LYS D 43 3.81 -20.31 -2.06
C LYS D 43 3.41 -19.34 -0.94
N GLY D 44 2.13 -18.93 -0.90
CA GLY D 44 1.55 -18.12 0.19
C GLY D 44 1.72 -16.62 -0.01
N ARG D 45 2.70 -16.21 -0.82
CA ARG D 45 3.11 -14.78 -0.98
C ARG D 45 2.36 -14.14 -2.15
N ASP D 46 1.91 -12.90 -1.98
CA ASP D 46 1.33 -12.04 -3.06
C ASP D 46 2.48 -11.49 -3.90
N ILE D 47 2.84 -12.17 -4.99
CA ILE D 47 4.02 -11.86 -5.85
C ILE D 47 3.65 -10.79 -6.88
N TYR D 48 2.35 -10.60 -7.14
CA TYR D 48 1.83 -9.43 -7.92
C TYR D 48 0.48 -9.00 -7.38
N THR D 49 0.24 -7.69 -7.39
CA THR D 49 -1.01 -7.03 -6.95
C THR D 49 -1.32 -5.86 -7.88
N PHE D 50 -2.57 -5.73 -8.31
CA PHE D 50 -3.11 -4.52 -8.99
C PHE D 50 -4.35 -4.04 -8.22
N ASP D 51 -4.26 -2.83 -7.66
CA ASP D 51 -5.37 -2.16 -6.92
C ASP D 51 -6.00 -1.13 -7.87
N GLY D 52 -7.12 -1.48 -8.49
CA GLY D 52 -7.85 -0.61 -9.44
C GLY D 52 -8.11 0.76 -8.85
N ALA D 53 -8.59 0.80 -7.61
CA ALA D 53 -8.93 2.03 -6.85
C ALA D 53 -7.76 3.03 -6.90
N LEU D 54 -6.55 2.54 -6.65
CA LEU D 54 -5.30 3.36 -6.60
C LEU D 54 -4.65 3.42 -8.00
N ASN D 55 -4.98 2.45 -8.85
CA ASN D 55 -4.39 2.26 -10.21
C ASN D 55 -2.88 2.04 -10.05
N LYS D 56 -2.50 1.16 -9.11
CA LYS D 56 -1.10 0.91 -8.67
C LYS D 56 -0.81 -0.60 -8.64
N SER D 57 0.39 -0.98 -9.08
CA SER D 57 0.89 -2.39 -9.12
C SER D 57 2.02 -2.57 -8.10
N THR D 58 1.88 -3.55 -7.20
CA THR D 58 2.84 -3.87 -6.11
C THR D 58 3.50 -5.22 -6.38
N VAL D 59 4.83 -5.23 -6.48
CA VAL D 59 5.67 -6.46 -6.72
C VAL D 59 6.75 -6.52 -5.64
N PRO D 60 7.11 -7.73 -5.15
CA PRO D 60 8.28 -7.89 -4.30
C PRO D 60 9.53 -7.88 -5.17
N THR D 61 10.70 -7.63 -4.57
CA THR D 61 11.99 -7.43 -5.27
C THR D 61 12.37 -8.72 -6.03
N ASP D 62 12.06 -9.90 -5.46
CA ASP D 62 12.44 -11.22 -6.05
C ASP D 62 11.54 -11.55 -7.24
N PHE D 63 10.45 -10.82 -7.44
CA PHE D 63 9.54 -10.92 -8.62
C PHE D 63 9.43 -9.56 -9.33
N SER D 64 10.56 -8.85 -9.46
CA SER D 64 10.64 -7.45 -9.94
C SER D 64 9.97 -7.31 -11.32
N SER D 65 10.10 -8.31 -12.19
CA SER D 65 9.68 -8.26 -13.62
C SER D 65 8.18 -8.57 -13.78
N ALA D 66 7.49 -8.98 -12.72
CA ALA D 66 6.07 -9.39 -12.74
C ALA D 66 5.17 -8.20 -13.11
N LYS D 67 4.19 -8.43 -13.98
CA LYS D 67 3.32 -7.38 -14.59
C LYS D 67 2.08 -8.04 -15.22
N ILE D 68 0.96 -7.29 -15.29
CA ILE D 68 -0.24 -7.64 -16.11
C ILE D 68 -0.54 -6.46 -17.05
N GLU D 69 -1.31 -6.71 -18.11
CA GLU D 69 -1.80 -5.66 -19.03
C GLU D 69 -3.15 -5.14 -18.52
N VAL D 70 -3.16 -3.94 -17.93
CA VAL D 70 -4.37 -3.30 -17.32
C VAL D 70 -5.36 -2.94 -18.44
N SER D 71 -4.85 -2.72 -19.66
CA SER D 71 -5.65 -2.45 -20.88
C SER D 71 -6.62 -3.61 -21.15
N GLN D 72 -6.25 -4.85 -20.78
CA GLN D 72 -6.98 -6.09 -21.13
C GLN D 72 -7.91 -6.56 -19.99
N LEU D 73 -7.88 -5.89 -18.83
CA LEU D 73 -8.53 -6.38 -17.57
C LEU D 73 -10.05 -6.44 -17.74
N LEU D 74 -10.66 -5.39 -18.31
CA LEU D 74 -12.14 -5.26 -18.44
C LEU D 74 -12.69 -6.24 -19.48
N LYS D 75 -11.81 -6.82 -20.30
CA LYS D 75 -12.16 -7.88 -21.30
C LYS D 75 -12.03 -9.26 -20.65
N GLY D 76 -11.52 -9.33 -19.41
CA GLY D 76 -11.46 -10.57 -18.59
C GLY D 76 -10.04 -11.10 -18.43
N ASP D 77 -9.05 -10.46 -19.07
CA ASP D 77 -7.64 -10.95 -19.15
C ASP D 77 -6.84 -10.38 -17.97
N ALA D 78 -6.52 -11.25 -16.99
CA ALA D 78 -5.67 -10.94 -15.82
C ALA D 78 -4.37 -11.74 -15.89
N SER D 79 -3.95 -12.11 -17.10
CA SER D 79 -2.76 -13.00 -17.36
C SER D 79 -1.49 -12.31 -16.86
N LEU D 80 -0.62 -13.07 -16.20
CA LEU D 80 0.65 -12.59 -15.58
C LEU D 80 1.79 -12.70 -16.58
N LYS D 81 2.60 -11.65 -16.70
CA LYS D 81 3.77 -11.58 -17.62
C LYS D 81 5.03 -11.30 -16.79
N MET D 82 6.08 -12.09 -17.00
CA MET D 82 7.38 -11.99 -16.28
C MET D 82 8.53 -12.37 -17.22
N ASP D 83 9.76 -12.02 -16.86
CA ASP D 83 11.00 -12.40 -17.61
C ASP D 83 11.33 -13.86 -17.27
N LYS D 84 12.03 -14.55 -18.17
CA LYS D 84 12.44 -15.98 -18.00
C LYS D 84 13.14 -16.15 -16.65
N SER D 85 14.09 -15.27 -16.35
CA SER D 85 14.94 -15.28 -15.11
C SER D 85 14.06 -15.46 -13.87
N ASP D 86 12.91 -14.79 -13.82
CA ASP D 86 11.97 -14.82 -12.66
C ASP D 86 11.10 -16.09 -12.72
N ALA D 87 10.78 -16.59 -13.92
CA ALA D 87 9.98 -17.81 -14.15
C ALA D 87 10.78 -19.06 -13.77
N VAL D 88 12.09 -19.07 -14.08
CA VAL D 88 13.03 -20.19 -13.77
C VAL D 88 13.12 -20.38 -12.26
N SER D 89 13.25 -19.28 -11.52
CA SER D 89 13.44 -19.24 -10.04
C SER D 89 12.14 -19.59 -9.31
N HIS D 90 10.99 -19.53 -9.99
CA HIS D 90 9.64 -19.72 -9.39
C HIS D 90 8.75 -20.58 -10.31
N THR D 91 9.07 -21.87 -10.47
CA THR D 91 8.18 -22.88 -11.13
C THR D 91 7.29 -23.51 -10.06
N GLY D 92 6.04 -23.82 -10.42
CA GLY D 92 5.05 -24.46 -9.53
C GLY D 92 3.67 -23.87 -9.69
N ASN D 93 2.81 -24.05 -8.68
CA ASN D 93 1.37 -23.66 -8.72
C ASN D 93 1.24 -22.16 -8.42
N TYR D 94 0.50 -21.46 -9.27
CA TYR D 94 0.16 -20.01 -9.16
C TYR D 94 -1.35 -19.87 -8.97
N THR D 95 -1.76 -18.94 -8.10
CA THR D 95 -3.19 -18.60 -7.84
C THR D 95 -3.49 -17.22 -8.42
N CYS D 96 -4.42 -17.14 -9.35
CA CYS D 96 -4.96 -15.88 -9.93
C CYS D 96 -6.30 -15.56 -9.25
N GLU D 97 -6.26 -14.75 -8.19
CA GLU D 97 -7.45 -14.24 -7.48
C GLU D 97 -7.85 -12.90 -8.10
N VAL D 98 -9.05 -12.83 -8.69
CA VAL D 98 -9.64 -11.60 -9.28
C VAL D 98 -10.86 -11.20 -8.45
N THR D 99 -11.05 -9.90 -8.26
CA THR D 99 -12.17 -9.30 -7.49
C THR D 99 -12.71 -8.09 -8.26
N GLU D 100 -14.00 -8.12 -8.62
CA GLU D 100 -14.74 -7.00 -9.27
C GLU D 100 -15.84 -6.54 -8.32
N LEU D 101 -15.72 -5.33 -7.78
CA LEU D 101 -16.57 -4.79 -6.68
C LEU D 101 -16.60 -5.81 -5.52
N THR D 102 -17.74 -6.50 -5.33
CA THR D 102 -17.93 -7.49 -4.22
C THR D 102 -17.84 -8.92 -4.75
N ARG D 103 -17.85 -9.11 -6.07
CA ARG D 103 -17.70 -10.45 -6.72
C ARG D 103 -16.22 -10.85 -6.69
N GLU D 104 -15.93 -12.09 -6.28
CA GLU D 104 -14.55 -12.64 -6.24
C GLU D 104 -14.54 -14.05 -6.85
N GLY D 105 -13.37 -14.48 -7.29
CA GLY D 105 -13.08 -15.86 -7.72
C GLY D 105 -11.57 -16.07 -7.82
N GLU D 106 -11.12 -17.32 -7.82
CA GLU D 106 -9.69 -17.66 -8.04
C GLU D 106 -9.60 -18.95 -8.85
N THR D 107 -8.50 -19.10 -9.59
CA THR D 107 -8.14 -20.33 -10.36
C THR D 107 -6.65 -20.60 -10.16
N ILE D 108 -6.21 -21.83 -10.43
CA ILE D 108 -4.81 -22.29 -10.19
C ILE D 108 -4.22 -22.82 -11.50
N ILE D 109 -3.10 -22.25 -11.93
CA ILE D 109 -2.29 -22.71 -13.10
C ILE D 109 -0.92 -23.17 -12.58
N GLU D 110 -0.46 -24.34 -13.02
CA GLU D 110 0.91 -24.84 -12.74
C GLU D 110 1.83 -24.38 -13.88
N LEU D 111 2.92 -23.66 -13.56
CA LEU D 111 4.00 -23.32 -14.51
C LEU D 111 5.08 -24.41 -14.41
N LYS D 112 5.48 -24.97 -15.55
CA LYS D 112 6.49 -26.07 -15.66
C LYS D 112 7.53 -25.69 -16.69
N TYR D 113 8.81 -26.00 -16.41
CA TYR D 113 9.96 -25.74 -17.32
C TYR D 113 10.32 -27.04 -18.05
N ARG D 114 10.13 -27.06 -19.38
CA ARG D 114 10.47 -28.23 -20.24
C ARG D 114 11.90 -28.09 -20.77
N VAL D 115 12.82 -28.86 -20.18
CA VAL D 115 14.24 -28.97 -20.67
C VAL D 115 14.22 -29.72 -22.01
N VAL D 116 14.81 -29.12 -23.04
CA VAL D 116 14.69 -29.56 -24.46
C VAL D 116 15.14 -31.02 -24.58
C1 EDO E . -0.14 10.33 -2.32
O1 EDO E . -1.05 11.31 -1.89
C2 EDO E . -0.61 9.54 -3.50
O2 EDO E . -0.03 9.94 -4.72
C1 NAG F . 11.71 22.60 -13.47
C2 NAG F . 10.85 23.44 -14.41
C3 NAG F . 11.57 24.73 -14.82
C4 NAG F . 12.14 25.47 -13.61
C5 NAG F . 12.95 24.52 -12.74
C6 NAG F . 13.48 25.18 -11.46
C7 NAG F . 9.26 22.29 -15.90
C8 NAG F . 9.12 21.48 -17.15
N2 NAG F . 10.51 22.66 -15.59
O3 NAG F . 10.67 25.59 -15.52
O4 NAG F . 12.95 26.56 -14.07
O5 NAG F . 12.14 23.40 -12.37
O6 NAG F . 12.40 25.45 -10.55
O7 NAG F . 8.29 22.58 -15.22
C1 NAG G . 21.24 8.32 -23.16
C2 NAG G . 21.47 8.67 -21.69
C3 NAG G . 22.80 9.43 -21.55
C4 NAG G . 23.94 8.61 -22.15
C5 NAG G . 23.62 8.28 -23.60
C6 NAG G . 24.69 7.41 -24.25
C7 NAG G . 19.52 9.01 -20.24
C8 NAG G . 18.56 10.01 -19.69
N2 NAG G . 20.38 9.47 -21.15
O3 NAG G . 23.06 9.71 -20.18
O4 NAG G . 25.17 9.35 -22.06
O5 NAG G . 22.36 7.59 -23.66
O6 NAG G . 24.43 7.27 -25.66
O7 NAG G . 19.52 7.85 -19.84
C1 EDO H . 4.48 21.26 -11.21
O1 EDO H . 4.93 22.59 -11.42
C2 EDO H . 5.57 20.31 -10.86
O2 EDO H . 5.90 20.29 -9.49
C1 NAG I . 6.27 -20.11 -24.86
C2 NAG I . 4.82 -19.94 -24.41
C3 NAG I . 3.86 -20.69 -25.33
C4 NAG I . 4.08 -20.27 -26.78
C5 NAG I . 5.55 -20.47 -27.16
C6 NAG I . 5.80 -19.97 -28.59
C7 NAG I . 4.55 -19.58 -22.00
C8 NAG I . 4.33 -20.27 -20.68
N2 NAG I . 4.65 -20.40 -23.04
O3 NAG I . 2.51 -20.44 -24.94
O4 NAG I . 3.22 -21.04 -27.63
O5 NAG I . 6.39 -19.76 -26.25
O6 NAG I . 7.20 -19.80 -28.83
O7 NAG I . 4.64 -18.36 -22.07
C1 NAG J . 0.71 -28.27 -8.01
C2 NAG J . 1.83 -29.21 -7.55
C3 NAG J . 1.59 -30.59 -8.16
C4 NAG J . 0.19 -31.10 -7.82
C5 NAG J . -0.88 -30.06 -8.19
C6 NAG J . -2.27 -30.50 -7.74
C7 NAG J . 3.92 -28.01 -7.10
C8 NAG J . 5.30 -27.73 -7.61
N2 NAG J . 3.14 -28.72 -7.94
O3 NAG J . 2.57 -31.51 -7.70
O4 NAG J . -0.05 -32.33 -8.52
O5 NAG J . -0.55 -28.80 -7.58
O6 NAG J . -2.49 -30.19 -6.36
O7 NAG J . 3.55 -27.66 -5.99
C1 EDO K . -2.84 -21.12 -32.47
O1 EDO K . -1.91 -22.06 -32.94
C2 EDO K . -4.02 -21.74 -31.82
O2 EDO K . -3.73 -22.37 -30.58
#